data_7ORZ
#
_entry.id   7ORZ
#
_cell.length_a   88.059
_cell.length_b   88.059
_cell.length_c   101.088
_cell.angle_alpha   90.000
_cell.angle_beta   90.000
_cell.angle_gamma   120.000
#
_symmetry.space_group_name_H-M   'P 61'
#
loop_
_entity.id
_entity.type
_entity.pdbx_description
1 polymer 'UDP-N-acetylenolpyruvoylglucosamine reductase'
2 non-polymer '1-phenyl-5-(trifluoromethyl)pyrazole-4-carboxylic acid'
3 non-polymer GLYCEROL
4 non-polymer 'FLAVIN-ADENINE DINUCLEOTIDE'
5 water water
#
_entity_poly.entity_id   1
_entity_poly.type   'polypeptide(L)'
_entity_poly.pdbx_seq_one_letter_code
;LELQEHCSLKPYNTFGIDVRARLLAHARDEADVREALALARERGLPLLVIGGGSNLLLTRDVEALVLRMASQGRRIVSDA
ADSVLVEAEAGEAWDPFVQWSLERGLAGLENLSLIPGTVGAAPMQNIGAYGVELKDVFDSLTALDRQDGTLREFDRQACR
FGYRDSLFKQEPDRWLILRVRLRLTRRERLHLDYGPVRQRLEEEGIASPTARDVSRVICAIRREKLPDPAVLGNAGSFFK
NPLVDATQAERLRQAFPDLVGYPQADGRLKLAAGWLIDKGGWKGFRDGPVGVHAQQALVLVNHGGATGAQVRALAERIQE
DVRRRFGVELEPEPNLY
;
_entity_poly.pdbx_strand_id   A
#
# COMPACT_ATOMS: atom_id res chain seq x y z
N LEU A 1 5.22 26.61 3.38
CA LEU A 1 4.75 25.52 2.54
C LEU A 1 5.90 24.85 1.80
N GLU A 2 7.08 25.46 1.90
CA GLU A 2 8.26 25.01 1.15
C GLU A 2 7.93 24.86 -0.34
N LEU A 3 7.20 25.84 -0.87
CA LEU A 3 6.74 25.78 -2.25
C LEU A 3 7.92 25.74 -3.21
N GLN A 4 7.84 24.86 -4.20
CA GLN A 4 8.85 24.79 -5.26
C GLN A 4 8.16 24.64 -6.61
N GLU A 5 8.70 25.33 -7.61
CA GLU A 5 8.19 25.31 -8.97
C GLU A 5 9.03 24.37 -9.82
N HIS A 6 8.37 23.59 -10.67
CA HIS A 6 9.04 22.72 -11.64
C HIS A 6 10.08 21.85 -10.93
N CYS A 7 9.61 21.12 -9.93
CA CYS A 7 10.44 20.38 -9.00
C CYS A 7 10.46 18.90 -9.35
N SER A 8 11.64 18.30 -9.32
CA SER A 8 11.76 16.87 -9.54
C SER A 8 11.02 16.10 -8.44
N LEU A 9 10.21 15.13 -8.85
CA LEU A 9 9.53 14.22 -7.94
C LEU A 9 10.32 12.94 -7.68
N LYS A 10 11.54 12.86 -8.20
CA LYS A 10 12.32 11.63 -8.11
C LYS A 10 12.55 11.16 -6.69
N PRO A 11 12.97 12.00 -5.72
CA PRO A 11 13.08 11.52 -4.34
C PRO A 11 11.76 11.27 -3.65
N TYR A 12 10.62 11.51 -4.31
CA TYR A 12 9.33 11.41 -3.65
C TYR A 12 8.53 10.20 -4.09
N ASN A 13 9.10 9.33 -4.91
CA ASN A 13 8.38 8.13 -5.29
C ASN A 13 9.35 6.95 -5.30
N THR A 14 8.93 5.84 -4.70
CA THR A 14 9.81 4.69 -4.50
C THR A 14 10.22 4.04 -5.81
N PHE A 15 9.47 4.25 -6.90
CA PHE A 15 9.94 3.76 -8.20
C PHE A 15 11.15 4.54 -8.68
N GLY A 16 11.40 5.71 -8.12
CA GLY A 16 12.51 6.50 -8.56
C GLY A 16 12.31 7.21 -9.88
N ILE A 17 11.07 7.33 -10.35
CA ILE A 17 10.80 8.04 -11.61
C ILE A 17 11.14 9.52 -11.45
N ASP A 18 11.81 10.08 -12.45
CA ASP A 18 12.20 11.49 -12.45
C ASP A 18 11.33 12.24 -13.44
N VAL A 19 10.20 12.73 -12.94
CA VAL A 19 9.34 13.68 -13.64
C VAL A 19 9.25 14.91 -12.75
N ARG A 20 9.00 16.06 -13.36
CA ARG A 20 8.91 17.29 -12.60
C ARG A 20 7.46 17.60 -12.30
N ALA A 21 7.22 18.24 -11.16
CA ALA A 21 5.92 18.78 -10.79
C ALA A 21 5.91 20.29 -11.03
N ARG A 22 4.83 20.80 -11.60
CA ARG A 22 4.72 22.25 -11.80
C ARG A 22 4.85 22.99 -10.47
N LEU A 23 4.27 22.44 -9.41
CA LEU A 23 4.37 23.03 -8.09
C LEU A 23 4.38 21.91 -7.06
N LEU A 24 5.40 21.91 -6.21
CA LEU A 24 5.51 20.92 -5.14
C LEU A 24 5.41 21.66 -3.81
N ALA A 25 4.54 21.16 -2.93
CA ALA A 25 4.36 21.75 -1.61
C ALA A 25 4.34 20.64 -0.58
N HIS A 26 4.82 20.96 0.62
CA HIS A 26 4.85 20.04 1.74
C HIS A 26 3.89 20.54 2.80
N ALA A 27 2.92 19.71 3.17
CA ALA A 27 1.90 20.07 4.13
C ALA A 27 2.27 19.51 5.50
N ARG A 28 2.32 20.37 6.51
CA ARG A 28 2.64 19.92 7.86
C ARG A 28 1.51 20.13 8.86
N ASP A 29 0.29 20.45 8.39
CA ASP A 29 -0.96 20.30 9.12
C ASP A 29 -2.12 20.74 8.25
N GLU A 30 -3.33 20.74 8.80
CA GLU A 30 -4.53 21.01 8.01
C GLU A 30 -4.50 22.40 7.38
N ALA A 31 -3.90 23.38 8.06
CA ALA A 31 -3.84 24.71 7.49
C ALA A 31 -3.05 24.70 6.19
N ASP A 32 -1.87 24.07 6.21
CA ASP A 32 -1.09 23.89 4.99
C ASP A 32 -1.91 23.21 3.91
N VAL A 33 -2.73 22.23 4.30
CA VAL A 33 -3.58 21.53 3.33
C VAL A 33 -4.58 22.49 2.71
N ARG A 34 -5.30 23.23 3.54
CA ARG A 34 -6.25 24.20 3.03
C ARG A 34 -5.56 25.26 2.18
N GLU A 35 -4.33 25.65 2.57
CA GLU A 35 -3.61 26.66 1.80
C GLU A 35 -3.29 26.13 0.40
N ALA A 36 -2.75 24.91 0.32
CA ALA A 36 -2.42 24.31 -0.96
C ALA A 36 -3.65 24.16 -1.86
N LEU A 37 -4.80 23.83 -1.27
CA LEU A 37 -6.00 23.71 -2.08
C LEU A 37 -6.42 25.04 -2.65
N ALA A 38 -6.41 26.09 -1.81
CA ALA A 38 -6.64 27.44 -2.31
C ALA A 38 -5.65 27.78 -3.41
N LEU A 39 -4.39 27.37 -3.25
CA LEU A 39 -3.37 27.70 -4.24
C LEU A 39 -3.65 27.00 -5.56
N ALA A 40 -3.90 25.70 -5.50
CA ALA A 40 -4.22 24.95 -6.72
C ALA A 40 -5.38 25.58 -7.46
N ARG A 41 -6.49 25.86 -6.76
CA ARG A 41 -7.64 26.46 -7.43
C ARG A 41 -7.31 27.87 -7.92
N GLU A 42 -6.49 28.62 -7.17
CA GLU A 42 -6.11 29.96 -7.60
C GLU A 42 -5.35 29.90 -8.92
N ARG A 43 -4.32 29.06 -8.99
CA ARG A 43 -3.52 28.87 -10.19
C ARG A 43 -4.22 27.99 -11.22
N GLY A 44 -5.47 27.58 -11.00
CA GLY A 44 -6.12 26.69 -11.93
C GLY A 44 -5.40 25.38 -12.15
N LEU A 45 -4.68 24.90 -11.15
CA LEU A 45 -3.99 23.64 -11.28
C LEU A 45 -4.71 22.57 -10.48
N PRO A 46 -4.80 21.35 -11.01
CA PRO A 46 -5.28 20.23 -10.20
C PRO A 46 -4.33 19.98 -9.04
N LEU A 47 -4.82 19.27 -8.03
CA LEU A 47 -3.98 18.96 -6.86
C LEU A 47 -3.78 17.46 -6.77
N LEU A 48 -2.53 17.05 -6.74
CA LEU A 48 -2.16 15.65 -6.58
C LEU A 48 -1.63 15.43 -5.16
N VAL A 49 -2.27 14.53 -4.42
CA VAL A 49 -1.85 14.26 -3.04
C VAL A 49 -0.85 13.10 -3.05
N ILE A 50 0.26 13.28 -2.35
CA ILE A 50 1.31 12.26 -2.26
C ILE A 50 1.64 12.01 -0.79
N GLY A 51 1.81 10.75 -0.43
CA GLY A 51 2.33 10.39 0.87
C GLY A 51 3.80 10.01 0.77
N GLY A 52 4.12 8.73 0.95
CA GLY A 52 5.48 8.32 0.67
C GLY A 52 5.75 7.99 -0.78
N GLY A 53 4.75 8.17 -1.65
CA GLY A 53 4.95 7.85 -3.05
C GLY A 53 5.35 6.42 -3.29
N SER A 54 4.98 5.52 -2.38
CA SER A 54 5.34 4.11 -2.48
C SER A 54 4.23 3.26 -3.09
N ASN A 55 3.07 3.86 -3.41
CA ASN A 55 2.06 3.19 -4.22
C ASN A 55 1.74 3.97 -5.50
N LEU A 56 2.73 4.68 -6.04
CA LEU A 56 2.51 5.66 -7.11
C LEU A 56 3.35 5.31 -8.33
N LEU A 57 2.74 5.27 -9.51
CA LEU A 57 3.51 5.20 -10.75
C LEU A 57 3.31 6.51 -11.52
N LEU A 58 4.34 7.34 -11.53
CA LEU A 58 4.32 8.61 -12.23
C LEU A 58 4.83 8.40 -13.65
N THR A 59 4.03 8.79 -14.65
CA THR A 59 4.35 8.53 -16.04
C THR A 59 4.69 9.77 -16.85
N ARG A 60 4.47 10.96 -16.30
CA ARG A 60 4.77 12.18 -17.04
C ARG A 60 4.98 13.30 -16.03
N ASP A 61 5.55 14.40 -16.52
CA ASP A 61 5.59 15.62 -15.72
C ASP A 61 4.18 15.94 -15.24
N VAL A 62 4.10 16.52 -14.05
CA VAL A 62 2.84 16.66 -13.34
C VAL A 62 2.46 18.14 -13.41
N GLU A 63 1.52 18.46 -14.29
CA GLU A 63 0.96 19.80 -14.36
C GLU A 63 -0.14 19.87 -13.32
N ALA A 64 0.27 20.11 -12.08
CA ALA A 64 -0.62 20.12 -10.93
C ALA A 64 0.18 20.67 -9.76
N LEU A 65 -0.53 20.97 -8.69
CA LEU A 65 0.12 21.25 -7.41
C LEU A 65 0.25 19.92 -6.67
N VAL A 66 1.48 19.46 -6.50
CA VAL A 66 1.75 18.20 -5.80
C VAL A 66 1.94 18.52 -4.34
N LEU A 67 1.10 17.95 -3.50
CA LEU A 67 1.09 18.22 -2.06
C LEU A 67 1.66 17.01 -1.34
N ARG A 68 2.86 17.16 -0.78
CA ARG A 68 3.50 16.10 -0.01
C ARG A 68 2.93 16.11 1.40
N MET A 69 2.39 14.98 1.81
CA MET A 69 1.66 14.87 3.06
C MET A 69 2.66 14.56 4.17
N ALA A 70 2.98 15.57 4.98
CA ALA A 70 4.04 15.48 5.97
C ALA A 70 3.60 15.97 7.36
N SER A 71 2.31 15.97 7.63
CA SER A 71 1.84 16.34 8.96
C SER A 71 2.26 15.28 9.98
N GLN A 72 2.47 15.71 11.22
CA GLN A 72 3.05 14.88 12.26
C GLN A 72 2.13 14.89 13.47
N GLY A 73 2.06 13.74 14.15
CA GLY A 73 1.32 13.63 15.40
C GLY A 73 0.82 12.23 15.62
N ARG A 74 1.05 11.66 16.80
CA ARG A 74 0.53 10.33 17.16
C ARG A 74 0.12 10.35 18.61
N ARG A 75 -1.04 9.78 18.92
CA ARG A 75 -1.55 9.93 20.28
C ARG A 75 -2.54 8.82 20.57
N ILE A 76 -2.60 8.46 21.84
CA ILE A 76 -3.67 7.62 22.36
C ILE A 76 -4.90 8.50 22.55
N VAL A 77 -6.01 8.12 21.93
CA VAL A 77 -7.22 8.91 22.09
C VAL A 77 -7.94 8.48 23.36
N SER A 78 -8.11 7.17 23.55
CA SER A 78 -8.76 6.67 24.74
C SER A 78 -8.28 5.25 25.01
N ASP A 79 -8.10 4.94 26.28
CA ASP A 79 -7.64 3.63 26.72
C ASP A 79 -8.81 2.88 27.34
N ALA A 80 -9.16 1.75 26.77
CA ALA A 80 -10.25 0.92 27.27
C ALA A 80 -9.75 -0.42 27.80
N ALA A 81 -8.48 -0.50 28.19
CA ALA A 81 -7.85 -1.65 28.85
C ALA A 81 -7.53 -2.73 27.83
N ASP A 82 -8.51 -3.54 27.45
CA ASP A 82 -8.23 -4.55 26.42
C ASP A 82 -8.17 -3.95 25.03
N SER A 83 -8.69 -2.75 24.83
CA SER A 83 -8.51 -2.07 23.56
C SER A 83 -8.12 -0.62 23.81
N VAL A 84 -7.47 -0.04 22.81
CA VAL A 84 -6.91 1.31 22.90
C VAL A 84 -7.14 1.99 21.55
N LEU A 85 -7.79 3.15 21.58
CA LEU A 85 -8.01 3.95 20.39
C LEU A 85 -6.83 4.91 20.20
N VAL A 86 -6.10 4.75 19.11
CA VAL A 86 -4.95 5.61 18.83
C VAL A 86 -5.23 6.41 17.55
N GLU A 87 -4.55 7.55 17.42
CA GLU A 87 -4.75 8.46 16.30
C GLU A 87 -3.41 8.95 15.79
N ALA A 88 -3.26 9.04 14.47
CA ALA A 88 -2.07 9.58 13.85
C ALA A 88 -2.41 10.48 12.67
N GLU A 89 -1.63 11.56 12.52
CA GLU A 89 -1.77 12.46 11.38
C GLU A 89 -1.40 11.77 10.07
N ALA A 90 -2.04 12.22 8.96
CA ALA A 90 -1.89 11.56 7.68
C ALA A 90 -0.43 11.43 7.25
N GLY A 91 0.37 12.45 7.52
CA GLY A 91 1.77 12.40 7.12
C GLY A 91 2.69 11.54 7.97
N GLU A 92 2.18 10.89 9.02
CA GLU A 92 3.04 10.04 9.82
C GLU A 92 3.49 8.84 9.00
N ALA A 93 4.78 8.54 9.06
CA ALA A 93 5.31 7.35 8.41
C ALA A 93 4.69 6.09 9.00
N TRP A 94 4.24 5.17 8.13
CA TRP A 94 3.51 4.01 8.63
C TRP A 94 4.36 3.15 9.57
N ASP A 95 5.55 2.72 9.12
CA ASP A 95 6.26 1.74 9.94
C ASP A 95 6.72 2.32 11.28
N PRO A 96 7.26 3.54 11.33
CA PRO A 96 7.52 4.15 12.65
C PRO A 96 6.26 4.27 13.48
N PHE A 97 5.08 4.39 12.86
CA PHE A 97 3.84 4.39 13.63
C PHE A 97 3.55 3.01 14.21
N VAL A 98 3.77 1.96 13.42
CA VAL A 98 3.64 0.60 13.96
C VAL A 98 4.54 0.42 15.17
N GLN A 99 5.81 0.84 15.06
CA GLN A 99 6.74 0.67 16.16
C GLN A 99 6.30 1.46 17.38
N TRP A 100 5.81 2.67 17.15
CA TRP A 100 5.31 3.51 18.24
C TRP A 100 4.22 2.79 19.00
N SER A 101 3.32 2.12 18.28
CA SER A 101 2.25 1.38 18.93
C SER A 101 2.78 0.16 19.70
N LEU A 102 3.75 -0.55 19.12
CA LEU A 102 4.29 -1.75 19.76
C LEU A 102 5.08 -1.38 21.01
N GLU A 103 5.89 -0.31 20.95
CA GLU A 103 6.57 0.20 22.13
C GLU A 103 5.58 0.53 23.24
N ARG A 104 4.33 0.77 22.89
CA ARG A 104 3.31 1.12 23.86
C ARG A 104 2.54 -0.08 24.39
N GLY A 105 2.95 -1.30 24.04
CA GLY A 105 2.26 -2.49 24.49
C GLY A 105 0.98 -2.80 23.74
N LEU A 106 0.80 -2.23 22.55
CA LEU A 106 -0.44 -2.40 21.80
C LEU A 106 -0.23 -3.37 20.64
N ALA A 107 -1.21 -4.23 20.42
CA ALA A 107 -1.16 -5.19 19.33
C ALA A 107 -2.20 -4.85 18.28
N GLY A 108 -1.98 -5.35 17.07
CA GLY A 108 -2.93 -5.12 16.00
C GLY A 108 -2.27 -4.75 14.68
N LEU A 109 -1.11 -4.09 14.76
CA LEU A 109 -0.42 -3.60 13.58
C LEU A 109 0.81 -4.42 13.23
N GLU A 110 1.17 -5.41 14.06
CA GLU A 110 2.47 -6.05 13.88
C GLU A 110 2.56 -6.75 12.53
N ASN A 111 1.45 -7.30 12.02
CA ASN A 111 1.52 -7.95 10.72
C ASN A 111 1.67 -6.96 9.59
N LEU A 112 1.42 -5.68 9.85
CA LEU A 112 1.60 -4.61 8.88
C LEU A 112 2.94 -3.92 9.03
N SER A 113 3.87 -4.55 9.77
CA SER A 113 5.22 -4.04 9.95
C SER A 113 5.91 -3.86 8.60
N LEU A 114 6.75 -2.82 8.52
CA LEU A 114 7.65 -2.48 7.44
C LEU A 114 6.94 -2.14 6.12
N ILE A 115 5.63 -1.96 6.12
CA ILE A 115 5.01 -1.44 4.88
C ILE A 115 5.42 0.02 4.71
N PRO A 116 5.90 0.43 3.53
CA PRO A 116 6.29 1.84 3.36
C PRO A 116 5.10 2.77 3.39
N GLY A 117 5.34 4.07 3.35
CA GLY A 117 4.25 5.00 3.13
C GLY A 117 3.80 5.64 4.42
N THR A 118 2.61 6.23 4.36
CA THR A 118 2.15 7.13 5.39
C THR A 118 0.86 6.60 5.99
N VAL A 119 0.56 7.06 7.20
CA VAL A 119 -0.73 6.73 7.80
C VAL A 119 -1.87 7.21 6.91
N GLY A 120 -1.73 8.42 6.35
CA GLY A 120 -2.81 8.96 5.52
C GLY A 120 -3.18 8.06 4.36
N ALA A 121 -2.19 7.44 3.72
CA ALA A 121 -2.49 6.62 2.54
C ALA A 121 -3.03 5.25 2.90
N ALA A 122 -2.75 4.78 4.12
CA ALA A 122 -3.06 3.40 4.47
C ALA A 122 -4.53 3.02 4.27
N PRO A 123 -5.51 3.85 4.62
CA PRO A 123 -6.90 3.46 4.36
C PRO A 123 -7.24 3.45 2.90
N MET A 124 -6.48 4.15 2.06
CA MET A 124 -6.89 4.30 0.68
C MET A 124 -6.82 2.97 -0.06
N GLN A 125 -5.72 2.23 0.11
CA GLN A 125 -5.67 0.91 -0.49
C GLN A 125 -5.80 -0.19 0.56
N ASN A 126 -6.35 0.12 1.73
CA ASN A 126 -6.64 -0.90 2.75
C ASN A 126 -5.44 -1.83 2.93
N ILE A 127 -4.31 -1.23 3.38
CA ILE A 127 -3.04 -1.94 3.32
C ILE A 127 -3.13 -3.24 4.07
N GLY A 128 -2.50 -4.28 3.53
CA GLY A 128 -2.64 -5.62 4.04
C GLY A 128 -1.39 -6.42 3.80
N ALA A 129 -1.05 -7.29 4.76
CA ALA A 129 0.00 -8.28 4.60
C ALA A 129 -0.17 -9.31 5.73
N TYR A 130 0.37 -10.50 5.49
CA TYR A 130 0.35 -11.59 6.46
C TYR A 130 -1.03 -11.80 7.06
N GLY A 131 -2.04 -11.87 6.18
CA GLY A 131 -3.40 -12.14 6.61
C GLY A 131 -4.06 -11.04 7.40
N VAL A 132 -3.48 -9.86 7.48
CA VAL A 132 -4.12 -8.74 8.16
C VAL A 132 -4.31 -7.60 7.16
N GLU A 133 -5.42 -6.88 7.30
CA GLU A 133 -5.69 -5.64 6.56
C GLU A 133 -5.99 -4.52 7.54
N LEU A 134 -5.67 -3.30 7.11
CA LEU A 134 -5.99 -2.11 7.90
C LEU A 134 -7.42 -2.14 8.39
N LYS A 135 -8.34 -2.61 7.57
CA LYS A 135 -9.74 -2.57 8.00
C LYS A 135 -9.97 -3.38 9.26
N ASP A 136 -9.09 -4.33 9.59
CA ASP A 136 -9.31 -5.13 10.79
C ASP A 136 -9.16 -4.30 12.06
N VAL A 137 -8.35 -3.25 12.03
CA VAL A 137 -8.14 -2.44 13.23
C VAL A 137 -8.69 -1.03 13.07
N PHE A 138 -9.44 -0.77 12.00
CA PHE A 138 -9.79 0.60 11.64
C PHE A 138 -11.01 1.04 12.42
N ASP A 139 -10.89 2.20 13.07
CA ASP A 139 -12.01 2.80 13.78
C ASP A 139 -12.66 3.91 12.96
N SER A 140 -11.89 4.92 12.57
CA SER A 140 -12.43 6.05 11.84
C SER A 140 -11.30 6.88 11.26
N LEU A 141 -11.66 7.80 10.36
CA LEU A 141 -10.71 8.79 9.87
C LEU A 141 -11.42 10.12 9.65
N THR A 142 -10.63 11.19 9.65
CA THR A 142 -11.10 12.53 9.31
C THR A 142 -10.53 12.87 7.95
N ALA A 143 -11.40 13.27 7.04
CA ALA A 143 -11.03 13.55 5.66
C ALA A 143 -11.60 14.90 5.26
N LEU A 144 -10.84 15.65 4.47
CA LEU A 144 -11.34 16.90 3.89
C LEU A 144 -12.01 16.59 2.56
N ASP A 145 -13.26 17.04 2.42
CA ASP A 145 -14.04 16.89 1.19
C ASP A 145 -13.53 17.92 0.19
N ARG A 146 -12.93 17.46 -0.90
CA ARG A 146 -12.33 18.41 -1.85
C ARG A 146 -13.35 19.08 -2.78
N GLN A 147 -14.63 18.72 -2.68
CA GLN A 147 -15.67 19.46 -3.40
C GLN A 147 -16.00 20.78 -2.71
N ASP A 148 -16.47 20.70 -1.46
CA ASP A 148 -16.63 21.85 -0.57
C ASP A 148 -15.74 21.59 0.63
N GLY A 149 -14.85 22.52 0.94
CA GLY A 149 -13.76 22.17 1.85
C GLY A 149 -14.14 21.77 3.26
N THR A 150 -15.23 21.00 3.44
CA THR A 150 -15.66 20.62 4.77
C THR A 150 -14.87 19.41 5.27
N LEU A 151 -15.06 19.11 6.55
CA LEU A 151 -14.47 17.95 7.20
C LEU A 151 -15.55 16.92 7.49
N ARG A 152 -15.25 15.66 7.19
CA ARG A 152 -16.19 14.56 7.36
C ARG A 152 -15.50 13.43 8.13
N GLU A 153 -16.24 12.78 9.03
CA GLU A 153 -15.74 11.58 9.69
C GLU A 153 -16.25 10.37 8.92
N PHE A 154 -15.36 9.40 8.69
CA PHE A 154 -15.71 8.12 8.10
C PHE A 154 -15.47 7.03 9.13
N ASP A 155 -16.53 6.31 9.48
CA ASP A 155 -16.34 5.11 10.28
C ASP A 155 -15.96 3.96 9.34
N ARG A 156 -15.76 2.77 9.91
CA ARG A 156 -15.27 1.66 9.09
C ARG A 156 -16.23 1.32 7.97
N GLN A 157 -17.53 1.28 8.26
CA GLN A 157 -18.50 0.99 7.22
C GLN A 157 -18.44 2.04 6.10
N ALA A 158 -18.43 3.32 6.46
CA ALA A 158 -18.45 4.37 5.44
C ALA A 158 -17.26 4.31 4.50
N CYS A 159 -16.18 3.63 4.91
CA CYS A 159 -14.97 3.54 4.11
C CYS A 159 -15.07 2.49 3.00
N ARG A 160 -16.06 1.61 3.08
CA ARG A 160 -16.28 0.58 2.06
C ARG A 160 -14.98 -0.13 1.69
N PHE A 161 -14.28 -0.61 2.73
CA PHE A 161 -12.99 -1.24 2.48
C PHE A 161 -13.18 -2.52 1.68
N GLY A 162 -12.19 -2.83 0.84
CA GLY A 162 -12.20 -4.06 0.08
C GLY A 162 -10.75 -4.47 -0.11
N TYR A 163 -10.55 -5.55 -0.86
CA TYR A 163 -9.19 -6.01 -1.09
C TYR A 163 -8.39 -4.97 -1.87
N ARG A 164 -7.43 -4.32 -1.22
CA ARG A 164 -6.67 -3.22 -1.82
C ARG A 164 -7.59 -2.17 -2.43
N ASP A 165 -8.67 -1.85 -1.70
CA ASP A 165 -9.69 -0.95 -2.21
C ASP A 165 -10.40 -0.27 -1.06
N SER A 166 -11.13 0.78 -1.39
CA SER A 166 -11.80 1.65 -0.44
C SER A 166 -12.63 2.68 -1.20
N LEU A 167 -13.57 3.29 -0.49
CA LEU A 167 -14.30 4.42 -1.06
C LEU A 167 -13.34 5.43 -1.70
N PHE A 168 -12.22 5.67 -1.03
CA PHE A 168 -11.32 6.74 -1.45
C PHE A 168 -10.62 6.39 -2.76
N LYS A 169 -10.33 5.12 -3.00
CA LYS A 169 -9.77 4.72 -4.29
C LYS A 169 -10.85 4.67 -5.37
N GLN A 170 -12.09 4.47 -4.98
CA GLN A 170 -13.19 4.43 -5.96
C GLN A 170 -13.62 5.84 -6.38
N GLU A 171 -13.63 6.78 -5.44
CA GLU A 171 -13.94 8.18 -5.66
C GLU A 171 -12.64 8.98 -5.61
N PRO A 172 -11.75 8.80 -6.59
CA PRO A 172 -10.43 9.41 -6.46
C PRO A 172 -10.54 10.92 -6.54
N ASP A 173 -9.55 11.58 -5.94
CA ASP A 173 -9.46 13.04 -5.88
C ASP A 173 -10.61 13.66 -5.10
N ARG A 174 -11.43 12.86 -4.41
CA ARG A 174 -12.52 13.49 -3.69
C ARG A 174 -12.16 13.77 -2.23
N TRP A 175 -11.44 12.87 -1.57
CA TRP A 175 -11.23 13.01 -0.14
C TRP A 175 -9.75 13.19 0.16
N LEU A 176 -9.46 14.11 1.06
CA LEU A 176 -8.10 14.32 1.53
C LEU A 176 -8.04 13.87 2.97
N ILE A 177 -7.39 12.72 3.22
CA ILE A 177 -7.37 12.13 4.55
C ILE A 177 -6.38 12.91 5.41
N LEU A 178 -6.86 13.43 6.53
CA LEU A 178 -6.05 14.25 7.42
C LEU A 178 -5.51 13.48 8.61
N ARG A 179 -6.26 12.50 9.13
CA ARG A 179 -5.77 11.72 10.25
C ARG A 179 -6.66 10.50 10.40
N VAL A 180 -6.09 9.48 11.05
CA VAL A 180 -6.66 8.14 11.03
C VAL A 180 -6.64 7.60 12.46
N ARG A 181 -7.75 6.99 12.87
CA ARG A 181 -7.92 6.42 14.20
C ARG A 181 -8.07 4.91 14.08
N LEU A 182 -7.29 4.17 14.87
CA LEU A 182 -7.29 2.71 14.85
C LEU A 182 -7.48 2.18 16.27
N ARG A 183 -8.15 1.03 16.38
CA ARG A 183 -8.39 0.36 17.65
C ARG A 183 -7.41 -0.79 17.77
N LEU A 184 -6.44 -0.65 18.66
CA LEU A 184 -5.45 -1.69 18.91
C LEU A 184 -5.80 -2.34 20.23
N THR A 185 -5.11 -3.44 20.56
CA THR A 185 -5.49 -4.25 21.71
C THR A 185 -4.30 -4.50 22.62
N ARG A 186 -4.63 -5.03 23.78
CA ARG A 186 -3.68 -5.65 24.68
C ARG A 186 -4.21 -7.03 25.06
N ARG A 187 -3.30 -7.96 25.29
CA ARG A 187 -3.61 -9.25 25.89
C ARG A 187 -4.43 -10.16 24.97
N GLU A 188 -4.52 -9.86 23.68
CA GLU A 188 -5.21 -10.76 22.78
C GLU A 188 -4.33 -11.95 22.45
N ARG A 189 -4.95 -13.12 22.28
CA ARG A 189 -4.21 -14.28 21.81
C ARG A 189 -3.75 -14.05 20.39
N LEU A 190 -2.43 -14.12 20.18
CA LEU A 190 -1.87 -13.95 18.84
C LEU A 190 -2.29 -15.13 17.96
N HIS A 191 -3.06 -14.83 16.91
CA HIS A 191 -3.54 -15.84 15.98
C HIS A 191 -2.61 -15.84 14.77
N LEU A 192 -1.92 -16.94 14.55
CA LEU A 192 -0.90 -17.04 13.51
C LEU A 192 -1.07 -18.35 12.78
N ASP A 193 -1.45 -18.28 11.51
CA ASP A 193 -1.63 -19.48 10.70
C ASP A 193 -0.28 -20.09 10.35
N TYR A 194 -0.30 -21.40 10.04
CA TYR A 194 0.90 -22.11 9.63
C TYR A 194 1.60 -21.35 8.51
N GLY A 195 2.92 -21.25 8.61
CA GLY A 195 3.68 -20.45 7.69
C GLY A 195 5.04 -20.07 8.25
N PRO A 196 5.79 -19.25 7.50
CA PRO A 196 7.17 -18.96 7.91
C PRO A 196 7.26 -18.13 9.18
N VAL A 197 6.29 -17.23 9.41
CA VAL A 197 6.29 -16.43 10.63
C VAL A 197 6.16 -17.34 11.85
N ARG A 198 5.13 -18.19 11.87
CA ARG A 198 4.94 -19.13 12.95
C ARG A 198 6.15 -20.05 13.10
N GLN A 199 6.70 -20.52 11.98
CA GLN A 199 7.86 -21.40 12.02
C GLN A 199 9.05 -20.71 12.68
N ARG A 200 9.31 -19.45 12.32
CA ARG A 200 10.46 -18.76 12.91
C ARG A 200 10.26 -18.54 14.41
N LEU A 201 9.02 -18.25 14.82
CA LEU A 201 8.78 -18.03 16.25
C LEU A 201 8.96 -19.32 17.05
N GLU A 202 8.51 -20.44 16.47
CA GLU A 202 8.74 -21.71 17.15
CA GLU A 202 8.75 -21.73 17.11
C GLU A 202 10.23 -21.99 17.24
N GLU A 203 10.99 -21.66 16.20
CA GLU A 203 12.45 -21.83 16.26
C GLU A 203 13.06 -20.95 17.34
N GLU A 204 12.49 -19.78 17.57
CA GLU A 204 13.00 -18.94 18.65
C GLU A 204 12.53 -19.39 20.03
N GLY A 205 11.74 -20.47 20.10
CA GLY A 205 11.25 -20.96 21.37
C GLY A 205 10.08 -20.17 21.93
N ILE A 206 9.21 -19.67 21.07
CA ILE A 206 8.18 -18.70 21.44
C ILE A 206 6.84 -19.26 20.96
N ALA A 207 6.05 -19.82 21.87
CA ALA A 207 4.75 -20.39 21.56
C ALA A 207 3.60 -19.45 21.85
N SER A 208 3.83 -18.37 22.60
CA SER A 208 2.81 -17.34 22.86
C SER A 208 3.42 -15.98 22.52
N PRO A 209 3.66 -15.71 21.24
CA PRO A 209 4.41 -14.52 20.86
C PRO A 209 3.69 -13.24 21.21
N THR A 210 4.47 -12.26 21.67
CA THR A 210 3.92 -10.93 21.75
C THR A 210 3.81 -10.33 20.35
N ALA A 211 3.05 -9.24 20.26
CA ALA A 211 2.99 -8.52 19.00
C ALA A 211 4.39 -8.11 18.56
N ARG A 212 5.22 -7.66 19.51
CA ARG A 212 6.58 -7.28 19.15
C ARG A 212 7.37 -8.46 18.57
N ASP A 213 7.19 -9.67 19.13
CA ASP A 213 7.88 -10.83 18.57
C ASP A 213 7.45 -11.07 17.12
N VAL A 214 6.14 -11.04 16.86
CA VAL A 214 5.65 -11.22 15.50
C VAL A 214 6.22 -10.16 14.57
N SER A 215 6.30 -8.91 15.06
CA SER A 215 6.75 -7.82 14.20
C SER A 215 8.22 -7.98 13.85
N ARG A 216 9.02 -8.46 14.80
CA ARG A 216 10.45 -8.68 14.54
C ARG A 216 10.64 -9.76 13.48
N VAL A 217 9.83 -10.83 13.54
CA VAL A 217 9.95 -11.86 12.52
C VAL A 217 9.56 -11.32 11.14
N ILE A 218 8.44 -10.59 11.07
CA ILE A 218 7.91 -10.14 9.78
C ILE A 218 8.85 -9.12 9.15
N CYS A 219 9.42 -8.24 9.97
CA CYS A 219 10.47 -7.34 9.47
C CYS A 219 11.62 -8.13 8.89
N ALA A 220 12.09 -9.15 9.61
CA ALA A 220 13.22 -9.93 9.10
C ALA A 220 12.88 -10.57 7.76
N ILE A 221 11.69 -11.16 7.65
CA ILE A 221 11.31 -11.85 6.42
C ILE A 221 11.18 -10.85 5.26
N ARG A 222 10.53 -9.71 5.52
CA ARG A 222 10.39 -8.70 4.47
C ARG A 222 11.74 -8.13 4.07
N ARG A 223 12.65 -7.95 5.04
CA ARG A 223 13.96 -7.44 4.64
C ARG A 223 14.75 -8.49 3.88
N GLU A 224 14.44 -9.76 4.09
CA GLU A 224 15.12 -10.83 3.35
C GLU A 224 14.53 -11.03 1.96
N LYS A 225 13.23 -10.81 1.80
CA LYS A 225 12.50 -11.24 0.61
C LYS A 225 12.20 -10.11 -0.37
N LEU A 226 11.92 -8.89 0.10
CA LEU A 226 11.34 -7.84 -0.74
C LEU A 226 12.39 -6.82 -1.16
N PRO A 227 12.48 -6.51 -2.45
CA PRO A 227 13.44 -5.51 -2.91
C PRO A 227 13.23 -4.17 -2.21
N ASP A 228 14.31 -3.56 -1.84
CA ASP A 228 14.25 -2.24 -1.22
C ASP A 228 14.23 -1.16 -2.29
N PRO A 229 13.23 -0.26 -2.28
CA PRO A 229 13.25 0.84 -3.25
C PRO A 229 14.47 1.72 -3.13
N ALA A 230 15.12 1.74 -1.97
CA ALA A 230 16.34 2.51 -1.79
C ALA A 230 17.43 2.02 -2.75
N VAL A 231 17.48 0.72 -2.99
CA VAL A 231 18.47 0.14 -3.88
C VAL A 231 17.91 -0.05 -5.28
N LEU A 232 16.71 -0.62 -5.36
CA LEU A 232 16.09 -0.97 -6.64
C LEU A 232 14.68 -0.43 -6.64
N GLY A 233 14.43 0.58 -7.49
CA GLY A 233 13.15 1.27 -7.44
C GLY A 233 11.99 0.35 -7.76
N ASN A 234 10.90 0.49 -6.99
CA ASN A 234 9.70 -0.33 -7.14
C ASN A 234 8.60 0.23 -6.26
N ALA A 235 7.39 -0.28 -6.45
CA ALA A 235 6.24 0.06 -5.62
C ALA A 235 5.65 -1.19 -4.97
N GLY A 236 6.51 -2.13 -4.56
CA GLY A 236 6.01 -3.36 -3.98
C GLY A 236 5.40 -4.26 -5.04
N SER A 237 4.39 -5.00 -4.66
CA SER A 237 3.72 -5.89 -5.59
C SER A 237 2.92 -5.06 -6.61
N PHE A 238 3.15 -5.31 -7.89
CA PHE A 238 2.52 -4.46 -8.89
C PHE A 238 1.10 -4.88 -9.19
N PHE A 239 0.77 -6.16 -9.03
CA PHE A 239 -0.54 -6.68 -9.39
C PHE A 239 -1.24 -7.27 -8.17
N LYS A 240 -2.56 -7.16 -8.16
CA LYS A 240 -3.39 -7.79 -7.16
C LYS A 240 -3.62 -9.24 -7.53
N ASN A 241 -3.88 -10.05 -6.53
CA ASN A 241 -4.28 -11.43 -6.75
C ASN A 241 -5.69 -11.44 -7.34
N PRO A 242 -5.89 -11.94 -8.55
CA PRO A 242 -7.22 -11.87 -9.17
C PRO A 242 -8.14 -12.97 -8.66
N LEU A 243 -9.43 -12.66 -8.61
CA LEU A 243 -10.46 -13.62 -8.26
C LEU A 243 -11.09 -14.17 -9.53
N VAL A 244 -11.48 -15.43 -9.49
CA VAL A 244 -12.24 -16.05 -10.57
C VAL A 244 -13.42 -16.78 -9.95
N ASP A 245 -14.51 -16.90 -10.72
CA ASP A 245 -15.63 -17.67 -10.25
C ASP A 245 -15.31 -19.16 -10.33
N ALA A 246 -16.21 -19.98 -9.80
CA ALA A 246 -15.97 -21.43 -9.78
C ALA A 246 -15.87 -21.99 -11.19
N THR A 247 -16.47 -21.32 -12.18
CA THR A 247 -16.42 -21.81 -13.55
C THR A 247 -15.02 -21.69 -14.13
N GLN A 248 -14.48 -20.47 -14.16
CA GLN A 248 -13.11 -20.28 -14.65
C GLN A 248 -12.11 -21.06 -13.79
N ALA A 249 -12.34 -21.11 -12.48
CA ALA A 249 -11.41 -21.79 -11.58
C ALA A 249 -11.23 -23.26 -11.94
N GLU A 250 -12.34 -23.97 -12.14
CA GLU A 250 -12.25 -25.39 -12.48
C GLU A 250 -11.59 -25.59 -13.85
N ARG A 251 -11.75 -24.63 -14.77
CA ARG A 251 -11.11 -24.75 -16.06
C ARG A 251 -9.60 -24.54 -15.94
N LEU A 252 -9.19 -23.48 -15.25
CA LEU A 252 -7.76 -23.24 -15.02
C LEU A 252 -7.14 -24.40 -14.25
N ARG A 253 -7.87 -24.94 -13.27
CA ARG A 253 -7.36 -26.09 -12.51
C ARG A 253 -7.22 -27.32 -13.40
N GLN A 254 -8.10 -27.47 -14.39
CA GLN A 254 -7.97 -28.60 -15.32
C GLN A 254 -6.78 -28.42 -16.24
N ALA A 255 -6.39 -27.16 -16.51
CA ALA A 255 -5.25 -26.89 -17.37
C ALA A 255 -3.92 -26.91 -16.63
N PHE A 256 -3.93 -26.73 -15.30
CA PHE A 256 -2.72 -26.69 -14.49
C PHE A 256 -2.98 -27.27 -13.10
N PRO A 257 -2.44 -28.44 -12.78
CA PRO A 257 -2.64 -28.97 -11.42
C PRO A 257 -1.89 -28.19 -10.35
N ASP A 258 -0.72 -27.67 -10.68
CA ASP A 258 0.13 -26.86 -9.80
C ASP A 258 -0.44 -25.46 -9.57
N LEU A 259 -1.67 -25.22 -10.01
CA LEU A 259 -2.29 -23.91 -9.88
C LEU A 259 -2.37 -23.48 -8.42
N VAL A 260 -1.69 -22.38 -8.10
CA VAL A 260 -1.67 -21.86 -6.73
C VAL A 260 -2.83 -20.89 -6.55
N GLY A 261 -3.82 -21.29 -5.77
CA GLY A 261 -4.97 -20.45 -5.50
C GLY A 261 -5.29 -20.42 -4.02
N TYR A 262 -6.35 -19.69 -3.69
CA TYR A 262 -6.89 -19.60 -2.36
C TYR A 262 -8.42 -19.64 -2.43
N PRO A 263 -9.06 -20.67 -1.88
CA PRO A 263 -10.53 -20.70 -1.88
C PRO A 263 -11.08 -19.63 -0.94
N GLN A 264 -12.00 -18.83 -1.44
CA GLN A 264 -12.59 -17.73 -0.68
C GLN A 264 -13.88 -18.19 0.01
N ALA A 265 -14.35 -17.37 0.95
CA ALA A 265 -15.55 -17.72 1.70
C ALA A 265 -16.83 -17.56 0.88
N ASP A 266 -16.78 -16.82 -0.23
CA ASP A 266 -17.93 -16.65 -1.09
C ASP A 266 -18.00 -17.67 -2.22
N GLY A 267 -17.04 -18.59 -2.29
CA GLY A 267 -17.04 -19.65 -3.29
C GLY A 267 -16.07 -19.45 -4.42
N ARG A 268 -15.51 -18.26 -4.59
CA ARG A 268 -14.56 -17.99 -5.65
C ARG A 268 -13.15 -18.37 -5.22
N LEU A 269 -12.25 -18.46 -6.20
CA LEU A 269 -10.85 -18.76 -5.92
C LEU A 269 -10.01 -17.56 -6.31
N LYS A 270 -9.27 -17.03 -5.33
CA LYS A 270 -8.29 -16.00 -5.59
C LYS A 270 -6.99 -16.64 -6.07
N LEU A 271 -6.56 -16.30 -7.28
CA LEU A 271 -5.34 -16.85 -7.85
C LEU A 271 -4.11 -16.10 -7.36
N ALA A 272 -3.00 -16.82 -7.26
CA ALA A 272 -1.73 -16.22 -6.86
C ALA A 272 -1.12 -15.54 -8.07
N ALA A 273 -1.22 -14.20 -8.12
CA ALA A 273 -0.79 -13.48 -9.33
C ALA A 273 0.71 -13.69 -9.59
N GLY A 274 1.51 -13.86 -8.54
CA GLY A 274 2.91 -14.12 -8.78
C GLY A 274 3.16 -15.44 -9.48
N TRP A 275 2.26 -16.41 -9.26
CA TRP A 275 2.39 -17.68 -9.97
C TRP A 275 2.03 -17.53 -11.44
N LEU A 276 0.94 -16.80 -11.72
CA LEU A 276 0.60 -16.49 -13.11
C LEU A 276 1.75 -15.83 -13.83
N ILE A 277 2.42 -14.89 -13.16
CA ILE A 277 3.51 -14.15 -13.78
C ILE A 277 4.75 -15.03 -13.93
N ASP A 278 5.11 -15.73 -12.86
CA ASP A 278 6.22 -16.68 -12.91
C ASP A 278 6.00 -17.71 -14.02
N LYS A 279 4.84 -18.35 -14.01
CA LYS A 279 4.59 -19.36 -15.05
C LYS A 279 4.38 -18.75 -16.41
N GLY A 280 4.15 -17.44 -16.49
CA GLY A 280 4.25 -16.76 -17.77
C GLY A 280 5.66 -16.64 -18.29
N GLY A 281 6.67 -17.02 -17.50
CA GLY A 281 8.04 -16.84 -17.88
C GLY A 281 8.57 -15.44 -17.66
N TRP A 282 7.90 -14.65 -16.82
CA TRP A 282 8.25 -13.25 -16.61
C TRP A 282 9.26 -13.02 -15.50
N LYS A 283 9.47 -14.00 -14.63
CA LYS A 283 10.31 -13.79 -13.46
C LYS A 283 11.72 -13.46 -13.89
N GLY A 284 12.26 -12.36 -13.37
CA GLY A 284 13.60 -11.95 -13.73
C GLY A 284 13.72 -11.26 -15.08
N PHE A 285 12.62 -11.11 -15.82
CA PHE A 285 12.66 -10.45 -17.13
C PHE A 285 13.25 -9.06 -17.00
N ARG A 286 14.05 -8.66 -17.99
CA ARG A 286 14.57 -7.29 -18.05
C ARG A 286 14.43 -6.75 -19.46
N ASP A 287 14.17 -5.46 -19.54
CA ASP A 287 14.15 -4.75 -20.83
C ASP A 287 14.66 -3.34 -20.56
N GLY A 288 15.95 -3.13 -20.80
CA GLY A 288 16.59 -1.87 -20.52
C GLY A 288 16.56 -1.55 -19.05
N PRO A 289 15.94 -0.42 -18.70
CA PRO A 289 15.94 0.03 -17.30
C PRO A 289 14.82 -0.51 -16.44
N VAL A 290 13.87 -1.24 -17.02
CA VAL A 290 12.77 -1.84 -16.27
C VAL A 290 12.92 -3.36 -16.30
N GLY A 291 12.24 -4.02 -15.37
CA GLY A 291 12.29 -5.46 -15.32
C GLY A 291 11.33 -5.99 -14.28
N VAL A 292 11.32 -7.32 -14.15
CA VAL A 292 10.61 -8.02 -13.07
C VAL A 292 11.66 -8.63 -12.16
N HIS A 293 11.42 -8.56 -10.86
CA HIS A 293 12.40 -9.06 -9.91
C HIS A 293 12.65 -10.54 -10.12
N ALA A 294 13.91 -10.95 -9.94
CA ALA A 294 14.27 -12.33 -10.22
C ALA A 294 13.68 -13.32 -9.23
N GLN A 295 13.14 -12.85 -8.13
CA GLN A 295 12.52 -13.80 -7.20
C GLN A 295 11.10 -13.43 -6.83
N GLN A 296 10.83 -12.15 -6.55
CA GLN A 296 9.47 -11.69 -6.30
C GLN A 296 8.86 -11.31 -7.64
N ALA A 297 8.17 -12.27 -8.26
CA ALA A 297 7.61 -12.07 -9.59
C ALA A 297 6.52 -11.01 -9.62
N LEU A 298 6.02 -10.54 -8.48
CA LEU A 298 5.04 -9.47 -8.53
C LEU A 298 5.66 -8.09 -8.61
N VAL A 299 6.96 -7.98 -8.36
CA VAL A 299 7.62 -6.70 -8.15
C VAL A 299 8.28 -6.29 -9.47
N LEU A 300 7.59 -5.42 -10.20
CA LEU A 300 8.21 -4.69 -11.30
C LEU A 300 9.23 -3.70 -10.74
N VAL A 301 10.34 -3.51 -11.45
CA VAL A 301 11.46 -2.78 -10.88
C VAL A 301 12.03 -1.80 -11.90
N ASN A 302 12.62 -0.74 -11.37
CA ASN A 302 13.39 0.25 -12.12
C ASN A 302 14.85 0.04 -11.77
N HIS A 303 15.61 -0.57 -12.69
CA HIS A 303 17.04 -0.78 -12.51
C HIS A 303 17.84 0.51 -12.53
N GLY A 304 17.20 1.66 -12.76
CA GLY A 304 17.90 2.92 -12.84
C GLY A 304 17.64 3.67 -14.14
N GLY A 305 17.07 4.87 -14.03
CA GLY A 305 16.84 5.72 -15.17
C GLY A 305 15.55 5.50 -15.93
N ALA A 306 14.71 4.57 -15.48
CA ALA A 306 13.50 4.25 -16.22
C ALA A 306 12.48 5.39 -16.15
N THR A 307 11.69 5.53 -17.21
CA THR A 307 10.51 6.38 -17.17
C THR A 307 9.33 5.56 -16.66
N GLY A 308 8.35 6.26 -16.11
CA GLY A 308 7.13 5.59 -15.72
C GLY A 308 6.41 4.95 -16.89
N ALA A 309 6.52 5.56 -18.07
CA ALA A 309 5.92 4.96 -19.26
C ALA A 309 6.54 3.61 -19.57
N GLN A 310 7.86 3.51 -19.45
CA GLN A 310 8.50 2.20 -19.59
C GLN A 310 7.96 1.20 -18.56
N VAL A 311 7.73 1.64 -17.31
CA VAL A 311 7.17 0.70 -16.34
C VAL A 311 5.77 0.29 -16.75
N ARG A 312 4.93 1.28 -17.07
CA ARG A 312 3.54 1.01 -17.46
C ARG A 312 3.48 0.09 -18.67
N ALA A 313 4.38 0.30 -19.62
CA ALA A 313 4.37 -0.53 -20.83
C ALA A 313 4.75 -1.97 -20.50
N LEU A 314 5.70 -2.16 -19.59
CA LEU A 314 6.04 -3.52 -19.15
C LEU A 314 4.87 -4.15 -18.43
N ALA A 315 4.24 -3.40 -17.52
CA ALA A 315 3.04 -3.89 -16.84
C ALA A 315 1.96 -4.30 -17.86
N GLU A 316 1.83 -3.53 -18.94
CA GLU A 316 0.81 -3.83 -19.92
C GLU A 316 1.13 -5.10 -20.69
N ARG A 317 2.40 -5.31 -21.02
CA ARG A 317 2.79 -6.53 -21.70
C ARG A 317 2.52 -7.76 -20.84
N ILE A 318 2.84 -7.69 -19.54
CA ILE A 318 2.55 -8.80 -18.64
C ILE A 318 1.05 -9.02 -18.55
N GLN A 319 0.30 -7.92 -18.38
CA GLN A 319 -1.16 -8.04 -18.33
C GLN A 319 -1.70 -8.71 -19.58
N GLU A 320 -1.27 -8.23 -20.75
CA GLU A 320 -1.75 -8.79 -22.00
C GLU A 320 -1.33 -10.25 -22.14
N ASP A 321 -0.09 -10.56 -21.77
CA ASP A 321 0.39 -11.93 -21.86
C ASP A 321 -0.42 -12.86 -20.96
N VAL A 322 -0.65 -12.45 -19.71
CA VAL A 322 -1.42 -13.28 -18.79
C VAL A 322 -2.86 -13.40 -19.24
N ARG A 323 -3.43 -12.31 -19.77
CA ARG A 323 -4.73 -12.39 -20.44
C ARG A 323 -4.71 -13.44 -21.54
N ARG A 324 -3.68 -13.41 -22.40
CA ARG A 324 -3.67 -14.27 -23.57
C ARG A 324 -3.40 -15.73 -23.21
N ARG A 325 -2.71 -15.97 -22.10
CA ARG A 325 -2.37 -17.33 -21.70
C ARG A 325 -3.41 -17.94 -20.77
N PHE A 326 -3.81 -17.21 -19.73
CA PHE A 326 -4.63 -17.78 -18.67
C PHE A 326 -6.07 -17.28 -18.66
N GLY A 327 -6.43 -16.33 -19.51
CA GLY A 327 -7.78 -15.78 -19.48
C GLY A 327 -8.07 -15.04 -18.18
N VAL A 328 -7.06 -14.37 -17.63
CA VAL A 328 -7.18 -13.69 -16.34
C VAL A 328 -6.56 -12.31 -16.46
N GLU A 329 -7.30 -11.28 -16.05
CA GLU A 329 -6.81 -9.91 -16.09
C GLU A 329 -6.21 -9.54 -14.75
N LEU A 330 -4.94 -9.17 -14.75
CA LEU A 330 -4.23 -8.75 -13.55
C LEU A 330 -4.50 -7.26 -13.33
N GLU A 331 -5.10 -6.94 -12.21
CA GLU A 331 -5.27 -5.53 -11.88
C GLU A 331 -4.01 -4.98 -11.23
N PRO A 332 -3.66 -3.73 -11.51
CA PRO A 332 -2.51 -3.13 -10.85
C PRO A 332 -2.84 -2.70 -9.43
N GLU A 333 -1.81 -2.74 -8.57
CA GLU A 333 -1.96 -2.20 -7.22
C GLU A 333 -1.58 -0.72 -7.17
N PRO A 334 -0.47 -0.28 -7.78
CA PRO A 334 -0.12 1.15 -7.72
C PRO A 334 -1.15 2.00 -8.45
N ASN A 335 -1.18 3.28 -8.07
CA ASN A 335 -2.00 4.29 -8.73
C ASN A 335 -1.17 4.96 -9.82
N LEU A 336 -1.69 5.00 -11.04
CA LEU A 336 -0.94 5.54 -12.16
C LEU A 336 -1.37 6.98 -12.41
N TYR A 337 -0.38 7.86 -12.50
CA TYR A 337 -0.64 9.25 -12.83
C TYR A 337 0.18 9.65 -14.06
#